data_8Q5A
#
_entry.id   8Q5A
#
_cell.length_a   64.605
_cell.length_b   87.669
_cell.length_c   103.300
_cell.angle_alpha   90.00
_cell.angle_beta   90.00
_cell.angle_gamma   90.00
#
_symmetry.space_group_name_H-M   'I 2 2 2'
#
loop_
_entity.id
_entity.type
_entity.pdbx_description
1 polymer 'Ketose-bisphosphate aldolase'
2 non-polymer 'ZINC ION'
3 non-polymer 1,3-DIHYDROXYACETONEPHOSPHATE
4 water water
#
_entity_poly.entity_id   1
_entity_poly.type   'polypeptide(L)'
_entity_poly.pdbx_seq_one_letter_code
;MGSSHHHHHHSSGLVPRGSHMPYVSGKTMIQQAWKHGYAIGAFSAHNAETVRAILLAAQEEQSPVMIQVGQKVISVMGLK
PMKEIIDAFMHDITVPVCIHLDHSRSFEQTMQAIQCGFQSVMFDGSHLSFEENVRITRAASEVAHALNIGMEGEIGKIGG
TEDDISVDEKDALITSCDEALRFSEGTDVDYLAVSIGTAHGVYKQEPKLAFGRLQEIREIVKKPIVLHGGSGVPDDQIRQ
AIALGVAKVNVDTELRQAFTQGLCEVLTNDPEEYALAVSLGHGRDVMKEKVIEKIRLFGSNGKALQF
;
_entity_poly.pdbx_strand_id   A
#
# COMPACT_ATOMS: atom_id res chain seq x y z
N MET A 21 8.57 -13.49 -11.96
CA MET A 21 7.71 -14.05 -13.04
C MET A 21 6.25 -13.68 -12.77
N PRO A 22 5.62 -14.16 -11.66
CA PRO A 22 4.20 -13.90 -11.38
C PRO A 22 3.89 -12.46 -10.92
N TYR A 23 4.57 -11.49 -11.56
CA TYR A 23 4.37 -10.07 -11.34
C TYR A 23 3.21 -9.59 -12.21
N VAL A 24 2.16 -9.04 -11.59
CA VAL A 24 0.92 -8.68 -12.25
C VAL A 24 0.71 -7.18 -12.16
N SER A 25 0.25 -6.57 -13.26
CA SER A 25 -0.05 -5.14 -13.24
C SER A 25 -1.00 -4.82 -12.09
N GLY A 26 -0.81 -3.63 -11.51
CA GLY A 26 -1.62 -3.14 -10.41
C GLY A 26 -2.97 -2.60 -10.89
N LYS A 27 -3.05 -2.18 -12.17
CA LYS A 27 -4.35 -1.81 -12.71
C LYS A 27 -5.22 -3.08 -12.66
N THR A 28 -4.68 -4.18 -13.21
CA THR A 28 -5.38 -5.45 -13.27
C THR A 28 -5.76 -5.90 -11.86
N MET A 29 -4.82 -5.79 -10.92
CA MET A 29 -4.98 -6.41 -9.61
C MET A 29 -5.99 -5.65 -8.78
N ILE A 30 -5.93 -4.31 -8.75
CA ILE A 30 -6.91 -3.53 -7.99
C ILE A 30 -8.31 -3.61 -8.60
N GLN A 31 -8.39 -3.68 -9.93
CA GLN A 31 -9.66 -3.71 -10.63
C GLN A 31 -10.42 -4.97 -10.26
N GLN A 32 -9.73 -6.13 -10.34
CA GLN A 32 -10.33 -7.40 -10.01
C GLN A 32 -10.87 -7.37 -8.58
N ALA A 33 -10.02 -6.92 -7.66
CA ALA A 33 -10.42 -6.81 -6.26
C ALA A 33 -11.68 -5.98 -6.13
N TRP A 34 -11.76 -4.86 -6.87
CA TRP A 34 -12.88 -3.94 -6.87
C TRP A 34 -14.13 -4.62 -7.40
N LYS A 35 -14.02 -5.16 -8.62
CA LYS A 35 -15.13 -5.82 -9.28
C LYS A 35 -15.76 -6.86 -8.36
N HIS A 36 -14.93 -7.60 -7.62
CA HIS A 36 -15.37 -8.75 -6.85
C HIS A 36 -15.42 -8.44 -5.36
N GLY A 37 -15.30 -7.18 -4.98
CA GLY A 37 -15.61 -6.78 -3.60
C GLY A 37 -14.62 -7.28 -2.54
N TYR A 38 -13.33 -7.40 -2.88
CA TYR A 38 -12.30 -7.56 -1.86
C TYR A 38 -11.30 -6.42 -2.04
N ALA A 39 -10.43 -6.21 -1.04
CA ALA A 39 -9.33 -5.26 -1.16
C ALA A 39 -7.99 -6.00 -1.16
N ILE A 40 -7.00 -5.46 -1.90
CA ILE A 40 -5.67 -6.05 -1.83
C ILE A 40 -4.85 -5.31 -0.79
N GLY A 41 -4.08 -6.06 -0.01
CA GLY A 41 -3.20 -5.47 0.98
C GLY A 41 -1.93 -4.95 0.33
N ALA A 42 -1.58 -3.71 0.65
CA ALA A 42 -0.30 -3.16 0.25
C ALA A 42 0.63 -3.14 1.46
N PHE A 43 1.52 -4.15 1.52
CA PHE A 43 2.40 -4.36 2.65
C PHE A 43 3.79 -3.76 2.42
N SER A 44 4.15 -2.74 3.21
CA SER A 44 5.46 -2.12 3.12
C SER A 44 6.57 -3.03 3.65
N ALA A 45 7.59 -3.24 2.81
CA ALA A 45 8.78 -3.97 3.14
C ALA A 45 9.95 -3.02 3.37
N HIS A 46 10.92 -3.43 4.19
CA HIS A 46 12.03 -2.57 4.56
C HIS A 46 13.36 -3.30 4.42
N ASN A 47 13.32 -4.63 4.29
CA ASN A 47 14.52 -5.45 4.25
C ASN A 47 14.12 -6.84 3.74
N ALA A 48 15.02 -7.82 3.91
CA ALA A 48 14.82 -9.16 3.36
C ALA A 48 13.69 -9.92 4.07
N GLU A 49 13.86 -10.11 5.38
CA GLU A 49 12.90 -10.85 6.19
C GLU A 49 11.48 -10.35 5.96
N THR A 50 11.31 -9.02 6.00
CA THR A 50 10.03 -8.36 5.78
C THR A 50 9.48 -8.71 4.41
N VAL A 51 10.34 -8.66 3.38
CA VAL A 51 9.90 -9.00 2.04
C VAL A 51 9.38 -10.43 2.06
N ARG A 52 10.14 -11.31 2.71
CA ARG A 52 9.84 -12.74 2.69
C ARG A 52 8.60 -13.01 3.51
N ALA A 53 8.52 -12.43 4.70
CA ALA A 53 7.33 -12.55 5.54
C ALA A 53 6.10 -12.34 4.66
N ILE A 54 6.07 -11.20 3.96
CA ILE A 54 4.96 -10.81 3.09
C ILE A 54 4.71 -11.90 2.05
N LEU A 55 5.76 -12.30 1.34
CA LEU A 55 5.57 -13.27 0.26
C LEU A 55 5.15 -14.62 0.84
N LEU A 56 5.62 -14.96 2.05
CA LEU A 56 5.26 -16.25 2.63
C LEU A 56 3.77 -16.24 2.95
N ALA A 57 3.33 -15.21 3.68
CA ALA A 57 1.93 -15.06 4.02
C ALA A 57 1.06 -15.28 2.79
N ALA A 58 1.25 -14.43 1.79
CA ALA A 58 0.42 -14.42 0.59
C ALA A 58 0.34 -15.82 0.00
N GLN A 59 1.49 -16.49 -0.10
CA GLN A 59 1.56 -17.81 -0.72
C GLN A 59 0.76 -18.83 0.10
N GLU A 60 0.95 -18.84 1.42
CA GLU A 60 0.22 -19.71 2.32
C GLU A 60 -1.29 -19.45 2.22
N GLU A 61 -1.69 -18.28 1.73
CA GLU A 61 -3.09 -17.87 1.75
C GLU A 61 -3.69 -17.84 0.35
N GLN A 62 -2.93 -18.30 -0.64
CA GLN A 62 -3.33 -18.21 -2.03
C GLN A 62 -3.99 -16.86 -2.33
N SER A 63 -3.30 -15.79 -1.94
CA SER A 63 -3.79 -14.43 -2.07
C SER A 63 -2.88 -13.56 -2.94
N PRO A 64 -3.44 -12.73 -3.84
CA PRO A 64 -2.64 -11.72 -4.52
C PRO A 64 -2.23 -10.68 -3.50
N VAL A 65 -1.09 -10.03 -3.71
CA VAL A 65 -0.58 -9.08 -2.75
C VAL A 65 0.17 -7.98 -3.51
N MET A 66 0.30 -6.82 -2.84
CA MET A 66 1.21 -5.77 -3.25
C MET A 66 2.30 -5.59 -2.19
N ILE A 67 3.57 -5.58 -2.62
CA ILE A 67 4.71 -5.21 -1.80
C ILE A 67 4.97 -3.73 -2.04
N GLN A 68 4.96 -2.93 -0.98
CA GLN A 68 5.18 -1.50 -1.11
C GLN A 68 6.62 -1.12 -0.77
N VAL A 69 7.23 -0.32 -1.66
CA VAL A 69 8.53 0.28 -1.46
C VAL A 69 8.36 1.79 -1.33
N GLY A 70 8.61 2.31 -0.11
CA GLY A 70 8.28 3.68 0.23
C GLY A 70 9.53 4.50 0.50
N GLN A 71 9.35 5.78 0.78
CA GLN A 71 10.44 6.74 0.77
C GLN A 71 11.47 6.44 1.86
N LYS A 72 11.05 5.89 3.00
CA LYS A 72 11.92 5.61 4.12
C LYS A 72 12.95 4.55 3.70
N VAL A 73 12.46 3.37 3.30
CA VAL A 73 13.36 2.30 2.90
C VAL A 73 14.21 2.75 1.73
N ILE A 74 13.63 3.54 0.83
CA ILE A 74 14.35 3.92 -0.36
C ILE A 74 15.62 4.65 0.06
N SER A 75 15.57 5.42 1.15
CA SER A 75 16.73 6.20 1.58
C SER A 75 17.78 5.31 2.24
N VAL A 76 17.36 4.18 2.81
CA VAL A 76 18.25 3.22 3.46
C VAL A 76 18.90 2.32 2.42
N MET A 77 18.08 1.60 1.65
CA MET A 77 18.49 0.50 0.81
C MET A 77 18.61 0.94 -0.65
N GLY A 78 17.74 1.87 -1.09
CA GLY A 78 17.62 2.27 -2.50
C GLY A 78 16.47 1.59 -3.26
N LEU A 79 15.91 2.28 -4.27
CA LEU A 79 14.89 1.74 -5.16
C LEU A 79 15.29 0.40 -5.76
N LYS A 80 16.36 0.46 -6.59
CA LYS A 80 16.76 -0.62 -7.46
C LYS A 80 17.14 -1.83 -6.58
N PRO A 81 17.96 -1.65 -5.52
CA PRO A 81 18.28 -2.75 -4.63
C PRO A 81 17.04 -3.44 -4.11
N MET A 82 16.04 -2.68 -3.67
CA MET A 82 14.92 -3.30 -2.97
C MET A 82 14.04 -4.11 -3.94
N LYS A 83 13.99 -3.68 -5.21
CA LYS A 83 13.27 -4.41 -6.25
C LYS A 83 13.94 -5.75 -6.49
N GLU A 84 15.27 -5.70 -6.48
CA GLU A 84 16.11 -6.87 -6.74
C GLU A 84 16.04 -7.86 -5.57
N ILE A 85 15.90 -7.35 -4.33
CA ILE A 85 15.71 -8.23 -3.19
C ILE A 85 14.37 -8.95 -3.31
N ILE A 86 13.32 -8.22 -3.74
CA ILE A 86 12.00 -8.81 -3.90
C ILE A 86 12.06 -9.88 -4.97
N ASP A 87 12.75 -9.58 -6.09
CA ASP A 87 12.94 -10.50 -7.21
C ASP A 87 13.61 -11.80 -6.75
N ALA A 88 14.54 -11.64 -5.80
CA ALA A 88 15.32 -12.75 -5.29
C ALA A 88 14.47 -13.72 -4.47
N PHE A 89 13.33 -13.26 -3.95
CA PHE A 89 12.56 -14.08 -3.03
C PHE A 89 11.31 -14.59 -3.71
N MET A 90 11.27 -14.54 -5.05
CA MET A 90 10.04 -14.80 -5.78
C MET A 90 10.09 -16.18 -6.44
N HIS A 91 11.14 -16.96 -6.14
CA HIS A 91 11.42 -18.21 -6.82
C HIS A 91 10.33 -19.26 -6.60
N ASP A 92 9.85 -19.40 -5.36
CA ASP A 92 8.84 -20.40 -5.00
C ASP A 92 7.43 -19.79 -4.90
N ILE A 93 7.22 -18.56 -5.43
CA ILE A 93 5.99 -17.82 -5.23
C ILE A 93 5.11 -17.95 -6.46
N THR A 94 3.92 -18.53 -6.30
CA THR A 94 3.08 -18.81 -7.45
C THR A 94 1.92 -17.82 -7.55
N VAL A 95 1.60 -17.10 -6.46
CA VAL A 95 0.45 -16.19 -6.40
C VAL A 95 0.80 -14.85 -7.06
N PRO A 96 -0.19 -14.00 -7.39
CA PRO A 96 0.04 -12.68 -7.98
C PRO A 96 0.61 -11.69 -6.99
N VAL A 97 1.77 -11.11 -7.38
CA VAL A 97 2.50 -10.08 -6.64
C VAL A 97 2.61 -8.84 -7.51
N CYS A 98 2.48 -7.67 -6.91
CA CYS A 98 2.71 -6.42 -7.63
C CYS A 98 3.60 -5.52 -6.78
N ILE A 99 4.64 -4.94 -7.37
CA ILE A 99 5.51 -4.06 -6.59
C ILE A 99 5.06 -2.61 -6.78
N HIS A 100 4.86 -1.91 -5.65
CA HIS A 100 4.27 -0.57 -5.62
C HIS A 100 5.21 0.44 -4.97
N LEU A 101 5.52 1.51 -5.72
CA LEU A 101 6.22 2.68 -5.23
C LEU A 101 5.23 3.57 -4.48
N ASP A 102 5.54 3.89 -3.22
CA ASP A 102 4.62 4.56 -2.33
C ASP A 102 5.11 5.98 -2.08
N HIS A 103 4.18 6.94 -2.16
CA HIS A 103 4.39 8.30 -1.71
CA HIS A 103 4.39 8.30 -1.70
C HIS A 103 5.61 8.92 -2.39
N SER A 104 5.69 8.77 -3.72
CA SER A 104 6.74 9.41 -4.49
C SER A 104 6.37 10.86 -4.70
N ARG A 105 7.26 11.79 -4.33
CA ARG A 105 7.01 13.20 -4.53
CA ARG A 105 6.99 13.19 -4.56
C ARG A 105 7.90 13.73 -5.65
N SER A 106 8.41 12.83 -6.51
CA SER A 106 9.33 13.21 -7.58
C SER A 106 9.02 12.48 -8.87
N PHE A 107 8.99 13.21 -9.99
CA PHE A 107 8.76 12.58 -11.29
C PHE A 107 9.93 11.65 -11.62
N GLU A 108 11.16 12.12 -11.40
CA GLU A 108 12.34 11.30 -11.63
C GLU A 108 12.21 9.98 -10.89
N GLN A 109 11.84 10.04 -9.60
CA GLN A 109 11.80 8.82 -8.81
C GLN A 109 10.68 7.93 -9.38
N THR A 110 9.56 8.55 -9.75
CA THR A 110 8.47 7.79 -10.32
C THR A 110 8.98 7.13 -11.61
N MET A 111 9.73 7.89 -12.41
CA MET A 111 10.25 7.35 -13.65
C MET A 111 11.28 6.25 -13.39
N GLN A 112 12.03 6.34 -12.29
CA GLN A 112 13.05 5.34 -12.01
C GLN A 112 12.42 3.99 -11.71
N ALA A 113 11.40 3.97 -10.86
CA ALA A 113 10.78 2.74 -10.44
C ALA A 113 10.13 2.04 -11.64
N ILE A 114 9.56 2.83 -12.56
CA ILE A 114 9.02 2.30 -13.80
C ILE A 114 10.14 1.61 -14.57
N GLN A 115 11.28 2.28 -14.62
CA GLN A 115 12.37 1.77 -15.43
C GLN A 115 12.90 0.44 -14.90
N CYS A 116 12.83 0.18 -13.60
CA CYS A 116 13.31 -1.10 -13.10
C CYS A 116 12.14 -2.07 -12.90
N GLY A 117 10.96 -1.73 -13.43
CA GLY A 117 9.87 -2.68 -13.59
C GLY A 117 8.96 -2.84 -12.37
N PHE A 118 8.70 -1.75 -11.64
CA PHE A 118 7.58 -1.77 -10.71
C PHE A 118 6.30 -1.96 -11.53
N GLN A 119 5.30 -2.63 -10.93
CA GLN A 119 4.05 -2.94 -11.61
C GLN A 119 2.95 -1.98 -11.19
N SER A 120 3.23 -1.14 -10.19
CA SER A 120 2.37 -0.04 -9.77
C SER A 120 3.22 1.10 -9.21
N VAL A 121 2.71 2.33 -9.30
CA VAL A 121 3.36 3.50 -8.75
C VAL A 121 2.30 4.49 -8.23
N MET A 122 2.70 5.27 -7.21
CA MET A 122 1.88 6.35 -6.68
C MET A 122 2.66 7.66 -6.72
N PHE A 123 2.21 8.65 -7.50
CA PHE A 123 2.75 10.00 -7.38
C PHE A 123 1.89 10.80 -6.40
N ASP A 124 2.50 11.24 -5.30
CA ASP A 124 1.78 11.96 -4.27
C ASP A 124 2.02 13.45 -4.46
N GLY A 125 1.06 14.15 -5.11
CA GLY A 125 1.11 15.60 -5.23
C GLY A 125 0.19 16.32 -4.26
N SER A 126 -0.19 15.66 -3.14
CA SER A 126 -1.16 16.19 -2.19
C SER A 126 -0.68 17.50 -1.58
N HIS A 127 0.64 17.67 -1.50
CA HIS A 127 1.31 18.88 -1.05
C HIS A 127 1.48 19.90 -2.18
N LEU A 128 1.03 19.58 -3.39
CA LEU A 128 1.05 20.56 -4.46
C LEU A 128 -0.37 21.11 -4.67
N SER A 129 -0.47 22.29 -5.30
CA SER A 129 -1.75 22.83 -5.71
C SER A 129 -2.46 21.83 -6.62
N PHE A 130 -3.79 22.02 -6.77
CA PHE A 130 -4.62 21.16 -7.60
C PHE A 130 -4.05 21.06 -9.01
N GLU A 131 -3.66 22.20 -9.57
CA GLU A 131 -3.19 22.29 -10.95
C GLU A 131 -1.90 21.51 -11.11
N GLU A 132 -0.96 21.70 -10.16
CA GLU A 132 0.35 21.09 -10.30
C GLU A 132 0.29 19.61 -9.95
N ASN A 133 -0.48 19.28 -8.90
CA ASN A 133 -0.70 17.88 -8.59
C ASN A 133 -1.19 17.20 -9.85
N VAL A 134 -2.20 17.77 -10.50
CA VAL A 134 -2.87 17.13 -11.62
C VAL A 134 -1.89 16.98 -12.80
N ARG A 135 -1.05 18.00 -12.98
CA ARG A 135 -0.21 18.11 -14.15
C ARG A 135 0.81 16.97 -14.10
N ILE A 136 1.41 16.74 -12.93
CA ILE A 136 2.48 15.76 -12.80
C ILE A 136 1.90 14.34 -12.72
N THR A 137 0.80 14.18 -11.96
CA THR A 137 0.17 12.89 -11.80
C THR A 137 -0.23 12.40 -13.19
N ARG A 138 -0.75 13.32 -14.00
CA ARG A 138 -1.17 13.01 -15.35
C ARG A 138 0.07 12.58 -16.13
N ALA A 139 1.15 13.34 -15.99
CA ALA A 139 2.32 13.03 -16.79
C ALA A 139 2.78 11.61 -16.43
N ALA A 140 2.88 11.34 -15.13
CA ALA A 140 3.31 10.02 -14.70
C ALA A 140 2.27 8.97 -15.09
N SER A 141 0.96 9.29 -15.02
CA SER A 141 -0.06 8.30 -15.38
C SER A 141 0.00 7.93 -16.86
N GLU A 142 0.29 8.91 -17.74
CA GLU A 142 0.44 8.67 -19.17
C GLU A 142 1.54 7.63 -19.43
N VAL A 143 2.66 7.74 -18.71
CA VAL A 143 3.77 6.80 -18.83
C VAL A 143 3.35 5.43 -18.31
N ALA A 144 2.62 5.41 -17.19
CA ALA A 144 2.32 4.15 -16.55
C ALA A 144 1.37 3.34 -17.43
N HIS A 145 0.34 4.03 -17.94
CA HIS A 145 -0.63 3.41 -18.83
C HIS A 145 0.12 2.87 -20.05
N ALA A 146 1.07 3.66 -20.56
CA ALA A 146 1.84 3.22 -21.71
C ALA A 146 2.49 1.87 -21.48
N LEU A 147 2.99 1.60 -20.26
CA LEU A 147 3.71 0.34 -20.04
C LEU A 147 2.92 -0.62 -19.13
N ASN A 148 1.61 -0.41 -19.04
CA ASN A 148 0.72 -1.33 -18.35
CA ASN A 148 0.71 -1.32 -18.36
C ASN A 148 1.04 -1.36 -16.87
N ILE A 149 1.11 -0.19 -16.23
CA ILE A 149 1.43 -0.10 -14.81
C ILE A 149 0.30 0.60 -14.09
N GLY A 150 -0.20 -0.04 -13.02
CA GLY A 150 -1.15 0.59 -12.12
C GLY A 150 -0.66 1.96 -11.66
N MET A 151 -1.57 2.96 -11.63
CA MET A 151 -1.22 4.32 -11.28
C MET A 151 -2.13 4.83 -10.16
N GLU A 152 -1.53 5.37 -9.08
CA GLU A 152 -2.23 5.92 -7.92
C GLU A 152 -1.84 7.38 -7.81
N GLY A 153 -2.80 8.20 -7.36
CA GLY A 153 -2.55 9.58 -6.97
C GLY A 153 -3.33 9.92 -5.70
N GLU A 154 -3.05 11.10 -5.14
CA GLU A 154 -3.71 11.53 -3.92
C GLU A 154 -4.26 12.95 -4.10
N ILE A 155 -5.52 13.11 -3.68
CA ILE A 155 -6.10 14.42 -3.49
C ILE A 155 -6.52 14.51 -2.03
N GLY A 156 -6.04 15.57 -1.35
CA GLY A 156 -6.25 15.80 0.07
C GLY A 156 -5.08 15.30 0.90
N LYS A 157 -4.45 16.22 1.65
CA LYS A 157 -3.31 15.90 2.50
C LYS A 157 -3.72 14.92 3.60
N ILE A 158 -3.14 13.71 3.61
CA ILE A 158 -3.30 12.75 4.71
C ILE A 158 -2.17 12.99 5.70
N GLY A 159 -2.51 13.17 6.99
CA GLY A 159 -1.52 13.53 8.00
C GLY A 159 -0.74 12.33 8.54
N GLY A 160 0.01 12.56 9.64
CA GLY A 160 0.74 11.52 10.35
C GLY A 160 0.56 11.60 11.87
N THR A 161 -0.39 10.82 12.41
CA THR A 161 -0.72 10.78 13.84
C THR A 161 -0.06 11.95 14.59
N LYS A 170 -6.81 21.75 14.71
CA LYS A 170 -7.34 20.38 14.93
C LYS A 170 -8.87 20.39 14.84
N ASP A 171 -9.40 21.06 13.80
CA ASP A 171 -10.83 21.11 13.54
C ASP A 171 -11.25 19.94 12.65
N ALA A 172 -11.20 20.13 11.31
CA ALA A 172 -11.58 19.10 10.35
C ALA A 172 -11.72 19.71 8.95
N LEU A 173 -11.25 18.97 7.93
CA LEU A 173 -11.33 19.37 6.53
C LEU A 173 -10.91 18.19 5.65
N ILE A 174 -11.90 17.46 5.12
CA ILE A 174 -11.67 16.19 4.44
C ILE A 174 -11.55 16.46 2.94
N THR A 175 -11.78 15.42 2.11
CA THR A 175 -11.70 15.58 0.66
C THR A 175 -13.10 15.77 0.08
N SER A 176 -13.24 16.78 -0.80
CA SER A 176 -14.51 17.05 -1.47
C SER A 176 -14.85 15.92 -2.42
N CYS A 177 -16.15 15.70 -2.64
CA CYS A 177 -16.62 14.76 -3.63
C CYS A 177 -16.30 15.30 -5.02
N ASP A 178 -16.19 16.62 -5.16
CA ASP A 178 -16.03 17.24 -6.46
C ASP A 178 -14.55 17.34 -6.80
N GLU A 179 -13.75 17.79 -5.83
CA GLU A 179 -12.31 17.76 -5.98
C GLU A 179 -11.92 16.39 -6.54
N ALA A 180 -12.44 15.33 -5.92
CA ALA A 180 -12.11 13.97 -6.30
C ALA A 180 -12.40 13.75 -7.77
N LEU A 181 -13.60 14.19 -8.20
CA LEU A 181 -14.07 13.95 -9.54
C LEU A 181 -13.08 14.54 -10.54
N ARG A 182 -12.82 15.85 -10.38
CA ARG A 182 -11.98 16.62 -11.27
C ARG A 182 -10.57 16.03 -11.28
N PHE A 183 -10.03 15.75 -10.09
CA PHE A 183 -8.73 15.11 -9.98
C PHE A 183 -8.72 13.82 -10.79
N SER A 184 -9.71 12.96 -10.53
CA SER A 184 -9.75 11.68 -11.22
C SER A 184 -9.80 11.84 -12.73
N GLU A 185 -10.62 12.79 -13.21
CA GLU A 185 -10.86 12.95 -14.63
C GLU A 185 -9.60 13.51 -15.30
N GLY A 186 -8.98 14.49 -14.63
CA GLY A 186 -7.80 15.19 -15.12
C GLY A 186 -6.54 14.34 -15.17
N THR A 187 -6.42 13.32 -14.28
CA THR A 187 -5.21 12.54 -14.11
C THR A 187 -5.32 11.14 -14.71
N ASP A 188 -6.55 10.65 -14.81
CA ASP A 188 -6.78 9.30 -15.27
C ASP A 188 -6.00 8.27 -14.43
N VAL A 189 -5.91 8.48 -13.11
CA VAL A 189 -5.31 7.47 -12.25
C VAL A 189 -6.19 6.23 -12.22
N ASP A 190 -5.60 5.06 -11.95
CA ASP A 190 -6.36 3.82 -11.85
C ASP A 190 -7.04 3.72 -10.48
N TYR A 191 -6.35 4.18 -9.43
CA TYR A 191 -6.89 4.10 -8.08
C TYR A 191 -6.56 5.41 -7.36
N LEU A 192 -7.54 5.93 -6.58
CA LEU A 192 -7.44 7.25 -5.97
C LEU A 192 -7.32 7.11 -4.45
N ALA A 193 -6.40 7.89 -3.89
CA ALA A 193 -6.21 8.02 -2.46
C ALA A 193 -6.84 9.33 -2.01
N VAL A 194 -7.76 9.23 -1.06
CA VAL A 194 -8.45 10.42 -0.58
C VAL A 194 -8.16 10.49 0.93
N SER A 195 -8.25 11.70 1.48
CA SER A 195 -8.09 11.94 2.92
C SER A 195 -9.47 11.82 3.57
N ILE A 196 -9.64 10.82 4.46
CA ILE A 196 -10.96 10.39 4.86
C ILE A 196 -10.99 9.91 6.31
N GLY A 197 -9.95 10.24 7.09
CA GLY A 197 -9.94 9.98 8.52
C GLY A 197 -8.73 9.16 8.98
N THR A 198 -7.95 8.67 8.02
CA THR A 198 -6.78 7.87 8.33
C THR A 198 -5.60 8.82 8.57
N ALA A 199 -4.52 8.28 9.15
CA ALA A 199 -3.26 8.99 9.29
C ALA A 199 -2.11 8.01 9.48
N HIS A 200 -0.89 8.50 9.26
CA HIS A 200 0.30 7.64 9.26
C HIS A 200 0.82 7.52 10.68
N GLY A 201 0.95 6.26 11.17
CA GLY A 201 1.60 5.98 12.45
C GLY A 201 0.64 5.40 13.48
N VAL A 202 1.15 5.19 14.70
CA VAL A 202 0.39 4.63 15.80
C VAL A 202 -0.67 5.65 16.22
N TYR A 203 -1.95 5.33 15.97
CA TYR A 203 -3.03 6.27 16.15
C TYR A 203 -3.14 6.65 17.63
N LYS A 204 -3.21 7.96 17.91
CA LYS A 204 -3.38 8.47 19.25
C LYS A 204 -4.79 8.12 19.76
N GLN A 205 -5.81 8.48 18.97
CA GLN A 205 -7.19 8.25 19.35
C GLN A 205 -7.92 7.58 18.19
N GLU A 206 -8.62 6.47 18.49
CA GLU A 206 -9.39 5.73 17.49
C GLU A 206 -10.08 6.72 16.56
N PRO A 207 -9.71 6.75 15.26
CA PRO A 207 -10.31 7.69 14.29
C PRO A 207 -11.63 7.15 13.75
N LYS A 208 -12.26 7.93 12.85
CA LYS A 208 -13.53 7.53 12.26
C LYS A 208 -13.56 7.95 10.80
N LEU A 209 -14.00 7.04 9.93
CA LEU A 209 -13.99 7.27 8.50
C LEU A 209 -15.26 8.02 8.09
N ALA A 210 -15.13 8.77 6.99
CA ALA A 210 -16.26 9.34 6.29
C ALA A 210 -16.78 8.33 5.28
N PHE A 211 -17.53 7.36 5.79
CA PHE A 211 -18.15 6.36 4.94
C PHE A 211 -19.08 7.03 3.93
N GLY A 212 -19.55 8.24 4.25
CA GLY A 212 -20.49 8.97 3.42
C GLY A 212 -19.84 9.47 2.13
N ARG A 213 -18.69 10.15 2.32
CA ARG A 213 -17.85 10.61 1.23
C ARG A 213 -17.52 9.42 0.31
N LEU A 214 -17.06 8.31 0.91
CA LEU A 214 -16.82 7.06 0.19
C LEU A 214 -18.01 6.67 -0.67
N GLN A 215 -19.22 6.81 -0.11
CA GLN A 215 -20.43 6.46 -0.85
C GLN A 215 -20.53 7.32 -2.11
N GLU A 216 -20.32 8.64 -1.93
CA GLU A 216 -20.50 9.61 -2.99
C GLU A 216 -19.43 9.39 -4.07
N ILE A 217 -18.16 9.30 -3.65
CA ILE A 217 -17.05 9.05 -4.55
C ILE A 217 -17.33 7.77 -5.34
N ARG A 218 -17.82 6.71 -4.67
CA ARG A 218 -18.08 5.44 -5.34
C ARG A 218 -18.96 5.69 -6.56
N GLU A 219 -20.03 6.48 -6.37
CA GLU A 219 -21.04 6.75 -7.39
C GLU A 219 -20.56 7.77 -8.43
N ILE A 220 -19.91 8.85 -7.98
CA ILE A 220 -19.40 9.92 -8.85
C ILE A 220 -18.19 9.45 -9.67
N VAL A 221 -17.13 8.98 -8.97
CA VAL A 221 -15.81 8.84 -9.55
C VAL A 221 -15.62 7.50 -10.29
N LYS A 222 -16.37 6.46 -9.88
CA LYS A 222 -16.37 5.15 -10.54
C LYS A 222 -14.96 4.57 -10.66
N LYS A 223 -14.21 4.67 -9.55
CA LYS A 223 -12.82 4.22 -9.51
C LYS A 223 -12.50 3.66 -8.13
N PRO A 224 -11.63 2.62 -8.05
CA PRO A 224 -11.16 2.06 -6.76
C PRO A 224 -10.45 3.05 -5.86
N ILE A 225 -10.63 2.90 -4.54
CA ILE A 225 -10.06 3.80 -3.56
C ILE A 225 -8.96 3.08 -2.77
N VAL A 226 -7.95 3.87 -2.38
CA VAL A 226 -6.81 3.40 -1.59
C VAL A 226 -6.93 4.01 -0.19
N LEU A 227 -6.82 3.20 0.87
CA LEU A 227 -6.85 3.75 2.21
C LEU A 227 -5.43 3.74 2.80
N HIS A 228 -4.88 4.94 2.95
CA HIS A 228 -3.60 5.12 3.62
CA HIS A 228 -3.60 5.11 3.62
C HIS A 228 -3.84 5.11 5.13
N GLY A 229 -2.88 4.53 5.87
CA GLY A 229 -2.93 4.54 7.32
C GLY A 229 -4.00 3.62 7.86
N GLY A 230 -4.09 2.42 7.27
CA GLY A 230 -5.01 1.39 7.73
C GLY A 230 -4.46 0.59 8.92
N SER A 231 -3.18 0.81 9.28
CA SER A 231 -2.64 0.31 10.53
C SER A 231 -3.30 1.05 11.71
N GLY A 232 -4.16 0.35 12.45
CA GLY A 232 -4.78 0.89 13.64
C GLY A 232 -6.24 1.26 13.42
N VAL A 233 -6.76 0.99 12.22
CA VAL A 233 -8.17 1.16 11.95
C VAL A 233 -8.87 -0.12 12.44
N PRO A 234 -9.88 -0.01 13.33
CA PRO A 234 -10.71 -1.16 13.70
C PRO A 234 -11.19 -1.97 12.50
N ASP A 235 -11.23 -3.30 12.65
CA ASP A 235 -11.56 -4.22 11.57
C ASP A 235 -12.94 -3.87 10.98
N ASP A 236 -13.96 -3.75 11.84
CA ASP A 236 -15.29 -3.35 11.43
C ASP A 236 -15.23 -2.30 10.33
N GLN A 237 -14.48 -1.23 10.61
CA GLN A 237 -14.41 -0.09 9.71
C GLN A 237 -13.77 -0.53 8.39
N ILE A 238 -12.64 -1.25 8.48
CA ILE A 238 -11.94 -1.68 7.28
C ILE A 238 -12.90 -2.41 6.34
N ARG A 239 -13.68 -3.35 6.88
CA ARG A 239 -14.54 -4.16 6.04
C ARG A 239 -15.66 -3.28 5.48
N GLN A 240 -16.09 -2.27 6.26
CA GLN A 240 -17.07 -1.29 5.83
C GLN A 240 -16.54 -0.43 4.69
N ALA A 241 -15.30 0.04 4.84
CA ALA A 241 -14.61 0.76 3.79
C ALA A 241 -14.45 -0.11 2.53
N ILE A 242 -14.10 -1.39 2.68
CA ILE A 242 -13.93 -2.24 1.51
C ILE A 242 -15.27 -2.41 0.79
N ALA A 243 -16.36 -2.26 1.54
CA ALA A 243 -17.70 -2.39 1.00
C ALA A 243 -18.08 -1.18 0.16
N LEU A 244 -17.54 0.00 0.53
CA LEU A 244 -17.79 1.24 -0.18
C LEU A 244 -16.75 1.49 -1.29
N GLY A 245 -16.06 0.45 -1.78
CA GLY A 245 -15.19 0.59 -2.94
C GLY A 245 -13.69 0.76 -2.62
N VAL A 246 -13.25 0.64 -1.35
CA VAL A 246 -11.82 0.56 -1.08
C VAL A 246 -11.30 -0.80 -1.58
N ALA A 247 -10.31 -0.77 -2.50
CA ALA A 247 -9.71 -2.00 -3.00
C ALA A 247 -8.21 -2.11 -2.67
N LYS A 248 -7.61 -1.13 -2.00
CA LYS A 248 -6.20 -1.19 -1.61
C LYS A 248 -6.02 -0.62 -0.19
N VAL A 249 -5.54 -1.45 0.73
CA VAL A 249 -5.32 -1.01 2.10
C VAL A 249 -3.84 -1.10 2.39
N ASN A 250 -3.22 0.05 2.68
CA ASN A 250 -1.79 0.12 2.96
C ASN A 250 -1.51 -0.28 4.40
N VAL A 251 -0.50 -1.14 4.60
CA VAL A 251 -0.09 -1.57 5.92
C VAL A 251 1.44 -1.43 6.01
N ASP A 252 1.88 -0.68 7.03
CA ASP A 252 3.30 -0.46 7.28
C ASP A 252 3.59 -0.62 8.78
N THR A 253 3.15 0.34 9.60
CA THR A 253 3.54 0.37 11.00
C THR A 253 3.13 -0.92 11.71
N GLU A 254 1.85 -1.30 11.63
CA GLU A 254 1.42 -2.52 12.30
C GLU A 254 2.41 -3.65 12.04
N LEU A 255 2.94 -3.75 10.81
CA LEU A 255 3.88 -4.81 10.45
C LEU A 255 5.20 -4.63 11.19
N ARG A 256 5.63 -3.38 11.37
CA ARG A 256 6.89 -3.10 12.04
C ARG A 256 6.73 -3.24 13.55
N GLN A 257 5.54 -2.92 14.08
CA GLN A 257 5.21 -3.21 15.47
C GLN A 257 5.46 -4.69 15.72
N ALA A 258 4.88 -5.53 14.87
CA ALA A 258 4.92 -6.98 15.02
C ALA A 258 6.36 -7.47 14.93
N PHE A 259 7.07 -7.05 13.88
CA PHE A 259 8.45 -7.44 13.66
C PHE A 259 9.30 -7.06 14.87
N THR A 260 9.01 -5.90 15.48
CA THR A 260 9.73 -5.39 16.64
C THR A 260 9.26 -6.08 17.93
N GLN A 261 7.98 -6.48 18.02
CA GLN A 261 7.53 -7.30 19.14
C GLN A 261 8.21 -8.67 19.09
N GLY A 262 8.62 -9.12 17.89
CA GLY A 262 9.43 -10.32 17.76
C GLY A 262 10.87 -10.11 18.22
N LEU A 263 11.57 -9.15 17.61
CA LEU A 263 12.96 -8.91 17.96
C LEU A 263 13.07 -8.83 19.49
N CYS A 264 12.12 -8.12 20.10
CA CYS A 264 12.10 -7.87 21.52
C CYS A 264 11.95 -9.15 22.34
N GLU A 265 10.85 -9.89 22.17
CA GLU A 265 10.58 -11.05 23.01
C GLU A 265 11.88 -11.84 23.19
N VAL A 266 12.51 -12.18 22.07
CA VAL A 266 13.75 -12.94 22.01
C VAL A 266 14.88 -12.18 22.70
N LEU A 267 15.08 -10.91 22.30
CA LEU A 267 16.25 -10.12 22.67
C LEU A 267 16.23 -9.71 24.14
N THR A 268 15.03 -9.46 24.72
CA THR A 268 14.91 -9.03 26.11
C THR A 268 14.79 -10.23 27.04
N ASN A 269 14.46 -11.41 26.48
CA ASN A 269 14.45 -12.66 27.23
C ASN A 269 15.85 -13.27 27.23
N ASP A 270 16.53 -13.17 26.08
CA ASP A 270 17.91 -13.63 25.95
C ASP A 270 18.70 -12.61 25.13
N PRO A 271 19.46 -11.71 25.80
CA PRO A 271 20.27 -10.72 25.09
C PRO A 271 21.57 -11.25 24.48
N GLU A 272 21.95 -12.48 24.88
CA GLU A 272 23.19 -13.12 24.44
C GLU A 272 22.90 -14.13 23.32
N GLU A 273 21.67 -14.08 22.77
CA GLU A 273 21.32 -14.82 21.57
C GLU A 273 21.77 -14.04 20.34
N TYR A 274 22.78 -14.62 19.65
CA TYR A 274 23.48 -13.94 18.58
C TYR A 274 23.09 -14.49 17.22
N ALA A 275 22.17 -15.48 17.18
CA ALA A 275 21.70 -16.08 15.95
C ALA A 275 20.54 -15.25 15.37
N LEU A 276 20.87 -14.52 14.27
CA LEU A 276 19.94 -13.65 13.56
C LEU A 276 18.79 -14.44 12.92
N ALA A 277 18.96 -15.74 12.67
CA ALA A 277 17.86 -16.59 12.25
C ALA A 277 16.80 -16.75 13.34
N VAL A 278 17.14 -16.48 14.61
CA VAL A 278 16.19 -16.62 15.70
C VAL A 278 15.64 -15.24 16.04
N SER A 279 16.52 -14.32 16.40
CA SER A 279 16.07 -13.02 16.87
C SER A 279 15.25 -12.33 15.80
N LEU A 280 15.78 -12.26 14.57
CA LEU A 280 15.07 -11.60 13.49
C LEU A 280 14.15 -12.61 12.78
N GLY A 281 14.49 -13.90 12.83
CA GLY A 281 13.58 -14.94 12.33
C GLY A 281 12.22 -14.93 13.03
N HIS A 282 12.23 -14.68 14.34
CA HIS A 282 11.01 -14.57 15.15
C HIS A 282 10.30 -13.24 14.90
N GLY A 283 11.07 -12.16 14.68
CA GLY A 283 10.53 -10.93 14.09
C GLY A 283 9.76 -11.21 12.80
N ARG A 284 10.30 -12.08 11.94
CA ARG A 284 9.69 -12.39 10.66
C ARG A 284 8.37 -13.12 10.92
N ASP A 285 8.44 -14.27 11.61
CA ASP A 285 7.31 -15.16 11.80
C ASP A 285 6.12 -14.41 12.38
N VAL A 286 6.38 -13.60 13.40
CA VAL A 286 5.32 -12.85 14.05
C VAL A 286 4.72 -11.91 13.00
N MET A 287 5.56 -11.26 12.20
CA MET A 287 5.07 -10.38 11.15
C MET A 287 4.36 -11.17 10.04
N LYS A 288 4.78 -12.42 9.78
CA LYS A 288 4.07 -13.26 8.83
C LYS A 288 2.61 -13.43 9.26
N GLU A 289 2.42 -13.54 10.58
CA GLU A 289 1.09 -13.76 11.13
C GLU A 289 0.25 -12.53 10.81
N LYS A 290 0.85 -11.35 11.08
CA LYS A 290 0.15 -10.07 10.97
C LYS A 290 -0.38 -9.89 9.56
N VAL A 291 0.44 -10.27 8.57
CA VAL A 291 0.05 -10.16 7.18
C VAL A 291 -1.20 -11.02 6.98
N ILE A 292 -1.11 -12.30 7.35
CA ILE A 292 -2.20 -13.26 7.14
C ILE A 292 -3.50 -12.72 7.74
N GLU A 293 -3.41 -12.21 8.96
CA GLU A 293 -4.51 -11.47 9.58
C GLU A 293 -5.13 -10.51 8.57
N LYS A 294 -4.30 -9.64 7.99
CA LYS A 294 -4.80 -8.54 7.17
C LYS A 294 -5.37 -9.08 5.86
N ILE A 295 -4.68 -10.06 5.26
CA ILE A 295 -5.14 -10.70 4.03
C ILE A 295 -6.59 -11.15 4.22
N ARG A 296 -6.86 -11.75 5.38
CA ARG A 296 -8.17 -12.29 5.71
C ARG A 296 -9.16 -11.15 5.90
N LEU A 297 -8.71 -10.14 6.65
CA LEU A 297 -9.55 -9.01 6.94
C LEU A 297 -9.98 -8.37 5.63
N PHE A 298 -9.06 -8.28 4.67
CA PHE A 298 -9.29 -7.64 3.39
C PHE A 298 -10.06 -8.56 2.45
N GLY A 299 -10.00 -9.89 2.74
CA GLY A 299 -10.77 -10.89 2.02
C GLY A 299 -10.16 -11.37 0.71
N SER A 300 -8.81 -11.36 0.58
CA SER A 300 -8.15 -11.74 -0.66
C SER A 300 -7.67 -13.19 -0.61
N ASN A 301 -7.68 -13.77 0.58
CA ASN A 301 -7.37 -15.18 0.78
C ASN A 301 -8.26 -16.03 -0.13
N GLY A 302 -7.66 -16.86 -0.97
CA GLY A 302 -8.40 -17.70 -1.89
C GLY A 302 -8.35 -17.17 -3.33
N LYS A 303 -8.04 -15.88 -3.50
CA LYS A 303 -8.37 -15.18 -4.72
C LYS A 303 -7.28 -15.27 -5.80
N ALA A 304 -6.25 -16.09 -5.61
CA ALA A 304 -5.37 -16.42 -6.72
C ALA A 304 -5.88 -17.67 -7.45
#